data_8Z7D
#
_entry.id   8Z7D
#
_cell.length_a   56.534
_cell.length_b   77.474
_cell.length_c   66.827
_cell.angle_alpha   90.00
_cell.angle_beta   90.57
_cell.angle_gamma   90.00
#
_symmetry.space_group_name_H-M   'P 1 21 1'
#
loop_
_entity.id
_entity.type
_entity.pdbx_description
1 polymer 'Histone-lysine N-methyltransferase EHMT2'
2 non-polymer 'ZINC ION'
3 non-polymer SINEFUNGIN
4 non-polymer 3,6,6-trimethyl-4-oxidanylidene-~{N}-[(2~{S})-1-oxidanylidene-1-[(phenylmethyl)amino]hexan-2-yl]-5,7-dihydro-1~{H}-indole-2-carboxamide
5 water water
#
_entity_poly.entity_id   1
_entity_poly.type   'polypeptide(L)'
_entity_poly.pdbx_seq_one_letter_code
;GSNRAIRTEKIICRDVARGYENVPIPCVNGVDGEPCPEDYKYISENCETSTMNIDRNITHLQHCTCVDDCSSSNCLCGQL
SIRCWYDKDGRLLQEFNKIEPPLIFECNQACSCWRNCKNRVVQSGIKVRLQLYRTAKMGWGVRALQTIPQGTFICEYVGE
LISDAEADVREDDSYLFDLDNKDGEVYCIDARYYGNISRFINHLCDPNIIPVRVFMLHQDLRFPRIAFFSSRDIRTGEEL
GFDYGDRFWDIKSKYFTCQCGSEKCKHSAEAIALEQSRLARLD
;
_entity_poly.pdbx_strand_id   A,B
#
loop_
_chem_comp.id
_chem_comp.type
_chem_comp.name
_chem_comp.formula
A1L08 non-polymer 3,6,6-trimethyl-4-oxidanylidene-~{N}-[(2~{S})-1-oxidanylidene-1-[(phenylmethyl)amino]hexan-2-yl]-5,7-dihydro-1~{H}-indole-2-carboxamide 'C25 H33 N3 O3'
SFG non-polymer SINEFUNGIN 'C15 H23 N7 O5'
ZN non-polymer 'ZINC ION' 'Zn 2'
#
# COMPACT_ATOMS: atom_id res chain seq x y z
N ILE A 6 -42.95 15.87 -5.24
CA ILE A 6 -41.94 14.85 -5.49
C ILE A 6 -40.75 15.03 -4.54
N ARG A 7 -40.22 13.92 -4.04
CA ARG A 7 -39.00 13.98 -3.25
C ARG A 7 -37.81 14.05 -4.20
N THR A 8 -36.91 14.98 -3.92
CA THR A 8 -35.76 15.19 -4.80
C THR A 8 -34.50 14.65 -4.17
N GLU A 9 -33.49 14.42 -4.99
CA GLU A 9 -32.29 13.76 -4.52
C GLU A 9 -31.30 14.69 -3.84
N LYS A 10 -30.84 14.29 -2.66
CA LYS A 10 -29.86 15.05 -1.89
C LYS A 10 -28.51 14.37 -1.96
N ILE A 11 -27.45 15.15 -2.11
CA ILE A 11 -26.09 14.62 -1.96
C ILE A 11 -25.74 14.66 -0.49
N ILE A 12 -25.47 13.50 0.10
CA ILE A 12 -25.31 13.47 1.54
C ILE A 12 -23.88 13.12 1.97
N CYS A 13 -23.05 12.75 0.99
CA CYS A 13 -21.61 12.61 1.21
C CYS A 13 -20.89 12.75 -0.11
N ARG A 14 -19.84 13.58 -0.14
CA ARG A 14 -19.07 13.78 -1.35
C ARG A 14 -18.19 12.58 -1.65
N ASP A 15 -17.77 11.87 -0.61
CA ASP A 15 -16.88 10.72 -0.79
C ASP A 15 -16.91 9.82 0.42
N VAL A 16 -17.60 8.68 0.31
CA VAL A 16 -17.66 7.79 1.47
C VAL A 16 -16.31 7.15 1.77
N ALA A 17 -15.39 7.21 0.80
CA ALA A 17 -14.05 6.66 0.99
C ALA A 17 -13.06 7.65 1.60
N ARG A 18 -13.51 8.87 1.90
CA ARG A 18 -12.66 9.90 2.53
C ARG A 18 -11.30 10.06 1.83
N GLY A 19 -11.32 10.00 0.50
CA GLY A 19 -10.10 10.23 -0.25
C GLY A 19 -9.17 9.05 -0.41
N TYR A 20 -9.56 7.87 0.08
CA TYR A 20 -8.68 6.71 -0.01
C TYR A 20 -8.67 6.00 -1.35
N GLU A 21 -9.67 6.25 -2.21
CA GLU A 21 -9.69 5.63 -3.52
C GLU A 21 -9.13 6.60 -4.56
N ASN A 22 -8.96 6.12 -5.79
CA ASN A 22 -8.43 6.95 -6.87
C ASN A 22 -9.41 8.06 -7.21
N VAL A 23 -10.69 7.74 -7.01
CA VAL A 23 -11.77 8.66 -7.33
C VAL A 23 -12.71 8.78 -6.14
N PRO A 24 -13.45 9.89 -6.05
CA PRO A 24 -14.45 9.94 -4.98
C PRO A 24 -15.65 9.03 -5.26
N ILE A 25 -16.30 8.59 -4.20
CA ILE A 25 -17.52 7.78 -4.32
C ILE A 25 -18.61 8.48 -3.53
N PRO A 26 -19.43 9.29 -4.21
CA PRO A 26 -20.43 10.04 -3.46
C PRO A 26 -21.62 9.19 -3.05
N CYS A 27 -22.39 9.69 -2.09
CA CYS A 27 -23.59 9.03 -1.64
C CYS A 27 -24.76 10.00 -1.80
N VAL A 28 -25.84 9.55 -2.42
CA VAL A 28 -27.04 10.34 -2.59
C VAL A 28 -28.28 9.59 -2.13
N ASN A 29 -29.33 10.35 -1.83
CA ASN A 29 -30.59 9.76 -1.43
C ASN A 29 -31.75 10.60 -1.94
N GLY A 30 -32.54 10.01 -2.83
CA GLY A 30 -33.74 10.66 -3.32
C GLY A 30 -35.00 9.86 -2.98
N VAL A 31 -34.87 8.92 -2.05
CA VAL A 31 -35.97 7.98 -1.74
C VAL A 31 -36.59 8.19 -0.35
N ASP A 32 -35.73 8.38 0.65
CA ASP A 32 -36.21 8.51 2.02
C ASP A 32 -35.27 9.39 2.83
N GLY A 33 -35.40 9.36 4.15
CA GLY A 33 -34.59 10.19 5.03
C GLY A 33 -33.39 9.49 5.64
N GLU A 34 -33.01 8.34 5.07
CA GLU A 34 -31.87 7.60 5.60
C GLU A 34 -30.61 8.43 5.42
N PRO A 35 -29.87 8.64 6.51
CA PRO A 35 -28.62 9.40 6.42
C PRO A 35 -27.50 8.55 5.84
N CYS A 36 -26.40 9.21 5.53
CA CYS A 36 -25.21 8.51 5.05
C CYS A 36 -24.87 7.36 6.00
N PRO A 37 -24.71 6.16 5.45
CA PRO A 37 -24.44 5.00 6.32
C PRO A 37 -23.13 5.18 7.07
N GLU A 38 -23.19 5.03 8.39
CA GLU A 38 -22.02 5.21 9.24
C GLU A 38 -21.90 4.11 10.28
N ASP A 39 -22.64 3.03 10.09
CA ASP A 39 -22.57 1.90 11.02
CA ASP A 39 -22.59 1.88 10.97
C ASP A 39 -21.52 0.89 10.52
N TYR A 40 -20.40 1.41 10.07
CA TYR A 40 -19.27 0.60 9.61
C TYR A 40 -18.12 1.56 9.45
N LYS A 41 -16.92 1.02 9.26
CA LYS A 41 -15.75 1.85 9.02
C LYS A 41 -15.29 1.64 7.58
N TYR A 42 -15.25 2.70 6.78
CA TYR A 42 -14.80 2.52 5.39
C TYR A 42 -13.31 2.27 5.38
N ILE A 43 -12.92 1.16 4.77
CA ILE A 43 -11.49 0.91 4.54
C ILE A 43 -11.29 0.58 3.06
N SER A 44 -10.18 1.04 2.50
CA SER A 44 -9.96 0.82 1.08
C SER A 44 -9.23 -0.50 0.77
N GLU A 45 -8.59 -1.10 1.78
CA GLU A 45 -7.92 -2.38 1.61
C GLU A 45 -8.27 -3.30 2.77
N ASN A 46 -8.14 -4.61 2.56
CA ASN A 46 -8.52 -5.57 3.58
C ASN A 46 -7.83 -5.33 4.91
N CYS A 47 -8.52 -5.62 6.01
CA CYS A 47 -7.90 -5.50 7.33
C CYS A 47 -7.94 -6.83 8.08
N GLU A 48 -7.24 -6.86 9.21
CA GLU A 48 -7.30 -7.94 10.19
C GLU A 48 -7.65 -7.34 11.54
N THR A 49 -8.37 -8.10 12.36
CA THR A 49 -8.55 -7.74 13.77
C THR A 49 -7.89 -8.74 14.70
N SER A 50 -7.57 -9.91 14.16
CA SER A 50 -6.68 -10.88 14.81
C SER A 50 -5.85 -11.41 13.65
N THR A 51 -4.62 -11.83 13.90
CA THR A 51 -3.72 -12.06 12.77
C THR A 51 -4.07 -13.32 12.00
N MET A 52 -3.95 -13.21 10.68
CA MET A 52 -4.18 -14.32 9.78
C MET A 52 -2.87 -14.99 9.37
N ASN A 53 -1.75 -14.42 9.82
CA ASN A 53 -0.42 -14.90 9.44
C ASN A 53 -0.31 -15.10 7.94
N ILE A 54 -0.67 -14.06 7.19
CA ILE A 54 -0.54 -14.09 5.74
C ILE A 54 0.93 -14.19 5.37
N ASP A 55 1.25 -15.15 4.51
CA ASP A 55 2.62 -15.33 4.05
C ASP A 55 3.05 -14.17 3.14
N ARG A 56 3.93 -13.30 3.64
CA ARG A 56 4.39 -12.16 2.86
C ARG A 56 5.88 -12.28 2.57
N ASN A 57 6.43 -13.48 2.71
CA ASN A 57 7.84 -13.70 2.41
C ASN A 57 8.08 -13.46 0.92
N ILE A 58 8.90 -12.44 0.60
CA ILE A 58 9.08 -12.05 -0.80
C ILE A 58 9.68 -13.18 -1.63
N THR A 59 10.45 -14.06 -1.00
CA THR A 59 11.09 -15.14 -1.74
C THR A 59 10.11 -16.26 -2.10
N HIS A 60 8.87 -16.17 -1.63
CA HIS A 60 7.88 -17.20 -1.93
C HIS A 60 7.05 -16.83 -3.16
N LEU A 61 7.24 -15.61 -3.65
CA LEU A 61 6.51 -15.13 -4.82
C LEU A 61 6.99 -15.72 -6.13
N GLN A 62 6.07 -16.30 -6.90
CA GLN A 62 6.36 -16.57 -8.30
C GLN A 62 6.30 -15.24 -9.03
N HIS A 63 7.19 -15.04 -9.99
CA HIS A 63 7.36 -13.72 -10.59
C HIS A 63 7.95 -13.85 -11.98
N CYS A 64 7.81 -12.80 -12.77
CA CYS A 64 8.24 -12.86 -14.16
C CYS A 64 9.58 -12.14 -14.38
N THR A 65 10.15 -12.35 -15.56
CA THR A 65 11.45 -11.78 -15.93
C THR A 65 11.31 -10.80 -17.09
N CYS A 66 10.09 -10.37 -17.36
CA CYS A 66 9.81 -9.46 -18.47
C CYS A 66 10.45 -8.08 -18.26
N VAL A 67 10.89 -7.44 -19.34
CA VAL A 67 11.20 -6.02 -19.24
C VAL A 67 10.39 -5.22 -20.27
N ASP A 68 9.46 -5.90 -20.93
CA ASP A 68 8.49 -5.20 -21.76
C ASP A 68 7.27 -4.88 -20.89
N ASP A 69 6.10 -4.80 -21.50
CA ASP A 69 4.89 -4.45 -20.76
C ASP A 69 4.13 -5.70 -20.30
N CYS A 70 4.81 -6.84 -20.32
CA CYS A 70 4.22 -8.13 -19.92
C CYS A 70 3.03 -8.54 -20.77
N SER A 71 3.08 -8.18 -22.05
CA SER A 71 2.00 -8.54 -22.95
C SER A 71 2.31 -9.81 -23.73
N SER A 72 3.52 -10.35 -23.55
CA SER A 72 3.92 -11.53 -24.30
C SER A 72 3.54 -12.82 -23.59
N SER A 73 3.61 -13.92 -24.33
CA SER A 73 3.29 -15.23 -23.78
C SER A 73 4.42 -15.75 -22.88
N ASN A 74 5.52 -15.01 -22.84
CA ASN A 74 6.67 -15.38 -22.01
C ASN A 74 6.52 -14.93 -20.56
N CYS A 75 5.47 -14.18 -20.26
CA CYS A 75 5.26 -13.71 -18.89
C CYS A 75 4.79 -14.84 -17.99
N LEU A 76 5.61 -15.24 -17.03
CA LEU A 76 5.26 -16.33 -16.12
C LEU A 76 3.98 -16.04 -15.36
N CYS A 77 3.78 -14.77 -15.01
CA CYS A 77 2.62 -14.39 -14.21
C CYS A 77 1.35 -14.64 -15.01
N GLY A 78 1.37 -14.28 -16.28
CA GLY A 78 0.28 -14.59 -17.18
C GLY A 78 0.08 -16.09 -17.35
N GLN A 79 1.18 -16.85 -17.42
CA GLN A 79 1.10 -18.30 -17.56
C GLN A 79 0.50 -18.95 -16.33
N LEU A 80 0.68 -18.32 -15.17
CA LEU A 80 0.10 -18.82 -13.92
C LEU A 80 -1.42 -18.66 -13.87
N SER A 81 -1.96 -18.02 -14.90
N SER A 81 -1.92 -17.67 -14.60
CA SER A 81 -3.35 -18.22 -15.30
CA SER A 81 -3.28 -17.18 -14.39
C SER A 81 -3.45 -18.62 -16.77
C SER A 81 -4.26 -18.13 -15.08
N ILE A 82 -2.65 -19.62 -17.19
N ILE A 82 -5.28 -18.57 -14.36
CA ILE A 82 -2.53 -20.04 -18.59
CA ILE A 82 -6.14 -19.66 -14.82
C ILE A 82 -2.00 -18.92 -19.47
C ILE A 82 -7.35 -19.19 -15.63
N ARG A 83 -2.74 -17.81 -19.51
N ARG A 83 -7.42 -19.64 -16.87
CA ARG A 83 -2.32 -16.63 -20.24
CA ARG A 83 -8.58 -19.46 -17.76
C ARG A 83 -2.82 -15.42 -19.47
C ARG A 83 -8.99 -18.01 -17.96
N CYS A 84 -2.27 -14.24 -19.75
N CYS A 84 -8.02 -17.09 -17.91
CA CYS A 84 -2.79 -13.04 -19.13
CA CYS A 84 -8.31 -15.67 -18.09
C CYS A 84 -4.16 -12.73 -19.72
C CYS A 84 -7.04 -14.87 -18.33
N TRP A 85 -5.17 -12.65 -18.87
N TRP A 85 -7.22 -13.68 -18.91
CA TRP A 85 -6.54 -12.46 -19.31
CA TRP A 85 -6.12 -12.74 -19.13
C TRP A 85 -6.89 -10.97 -19.44
C TRP A 85 -6.66 -11.34 -19.45
N TYR A 86 -5.88 -10.12 -19.27
N TYR A 86 -5.81 -10.34 -19.31
CA TYR A 86 -6.04 -8.68 -19.46
CA TYR A 86 -6.17 -8.95 -19.60
C TYR A 86 -5.66 -8.28 -20.88
C TYR A 86 -5.84 -8.57 -21.03
N ASP A 87 -6.56 -7.60 -21.59
CA ASP A 87 -6.20 -7.07 -22.90
C ASP A 87 -5.41 -5.77 -22.73
N LYS A 88 -5.08 -5.11 -23.84
CA LYS A 88 -4.22 -3.92 -23.76
C LYS A 88 -4.89 -2.75 -23.07
N ASP A 89 -6.21 -2.82 -22.91
CA ASP A 89 -6.97 -1.77 -22.26
C ASP A 89 -7.26 -2.10 -20.80
N GLY A 90 -6.72 -3.22 -20.33
CA GLY A 90 -6.88 -3.62 -18.94
C GLY A 90 -8.20 -4.30 -18.68
N ARG A 91 -8.81 -4.83 -19.73
CA ARG A 91 -10.12 -5.48 -19.58
C ARG A 91 -9.98 -6.99 -19.62
N LEU A 92 -10.79 -7.63 -18.77
CA LEU A 92 -10.68 -9.05 -18.55
C LEU A 92 -11.42 -9.87 -19.60
N LEU A 93 -10.70 -10.82 -20.19
CA LEU A 93 -11.32 -11.85 -21.02
C LEU A 93 -11.30 -13.17 -20.27
N GLN A 94 -12.41 -13.90 -20.30
CA GLN A 94 -12.49 -15.18 -19.60
C GLN A 94 -12.96 -16.29 -20.53
N PRO A 101 -13.54 -21.76 -13.00
CA PRO A 101 -13.41 -20.52 -12.22
C PRO A 101 -12.02 -19.91 -12.35
N PRO A 102 -11.96 -18.70 -12.92
CA PRO A 102 -10.68 -18.04 -13.24
C PRO A 102 -9.88 -17.68 -11.98
N LEU A 103 -8.56 -17.63 -12.13
CA LEU A 103 -7.69 -17.23 -11.03
C LEU A 103 -6.53 -16.38 -11.55
N ILE A 104 -6.48 -15.12 -11.12
CA ILE A 104 -5.54 -14.16 -11.68
C ILE A 104 -4.30 -14.00 -10.82
N PHE A 105 -3.11 -14.16 -11.42
CA PHE A 105 -1.88 -13.76 -10.75
C PHE A 105 -1.33 -12.50 -11.41
N GLU A 106 -1.46 -11.37 -10.73
CA GLU A 106 -0.92 -10.12 -11.27
C GLU A 106 0.56 -10.08 -10.98
N CYS A 107 1.26 -9.18 -11.67
CA CYS A 107 2.66 -8.97 -11.38
C CYS A 107 2.83 -8.32 -10.00
N ASN A 108 4.04 -8.43 -9.47
CA ASN A 108 4.28 -8.08 -8.07
C ASN A 108 5.67 -7.48 -7.89
N GLN A 109 6.02 -7.20 -6.64
CA GLN A 109 7.28 -6.50 -6.34
C GLN A 109 8.55 -7.34 -6.61
N ALA A 110 8.39 -8.64 -6.84
CA ALA A 110 9.52 -9.50 -7.23
C ALA A 110 9.73 -9.56 -8.76
N CYS A 111 8.70 -9.24 -9.52
CA CYS A 111 8.85 -9.24 -10.99
C CYS A 111 9.86 -8.21 -11.46
N SER A 112 10.48 -8.47 -12.60
CA SER A 112 11.47 -7.53 -13.12
C SER A 112 10.83 -6.39 -13.92
N CYS A 113 9.54 -6.51 -14.19
CA CYS A 113 8.83 -5.52 -14.99
C CYS A 113 8.55 -4.23 -14.20
N TRP A 114 8.04 -3.22 -14.90
CA TRP A 114 7.65 -1.97 -14.23
C TRP A 114 6.24 -2.01 -13.62
N ARG A 115 6.02 -1.07 -12.70
CA ARG A 115 4.76 -0.93 -11.97
C ARG A 115 3.58 -0.66 -12.90
N ASN A 116 3.85 -0.24 -14.13
CA ASN A 116 2.79 0.12 -15.06
C ASN A 116 2.61 -0.90 -16.19
N CYS A 117 3.03 -2.14 -15.96
CA CYS A 117 2.87 -3.17 -16.98
C CYS A 117 1.39 -3.54 -17.14
N LYS A 118 1.12 -4.40 -18.11
CA LYS A 118 -0.26 -4.76 -18.46
C LYS A 118 -0.92 -5.73 -17.49
N ASN A 119 -0.19 -6.18 -16.48
CA ASN A 119 -0.73 -7.19 -15.56
C ASN A 119 -0.85 -6.61 -14.16
N ARG A 120 -1.45 -5.43 -14.06
CA ARG A 120 -1.54 -4.69 -12.80
C ARG A 120 -2.91 -4.05 -12.58
N VAL A 121 -3.94 -4.63 -13.18
CA VAL A 121 -5.22 -3.94 -13.22
C VAL A 121 -5.86 -3.78 -11.82
N VAL A 122 -6.00 -4.88 -11.09
CA VAL A 122 -6.68 -4.80 -9.79
C VAL A 122 -5.84 -4.00 -8.78
N GLN A 123 -4.52 -4.17 -8.82
CA GLN A 123 -3.70 -3.50 -7.83
C GLN A 123 -3.61 -2.00 -8.08
N SER A 124 -4.07 -1.55 -9.25
CA SER A 124 -4.03 -0.13 -9.58
C SER A 124 -5.30 0.60 -9.14
N GLY A 125 -6.29 -0.16 -8.66
CA GLY A 125 -7.45 0.42 -7.99
C GLY A 125 -8.61 0.88 -8.85
N ILE A 126 -9.57 1.55 -8.22
CA ILE A 126 -10.82 1.95 -8.88
C ILE A 126 -10.57 3.03 -9.93
N LYS A 127 -11.09 2.82 -11.13
CA LYS A 127 -10.97 3.81 -12.20
C LYS A 127 -12.34 4.31 -12.65
N VAL A 128 -13.38 3.49 -12.48
CA VAL A 128 -14.70 3.90 -12.94
C VAL A 128 -15.40 4.73 -11.88
N ARG A 129 -16.34 5.55 -12.32
CA ARG A 129 -17.10 6.39 -11.41
C ARG A 129 -18.38 5.68 -10.96
N LEU A 130 -18.47 5.50 -9.64
CA LEU A 130 -19.57 4.80 -8.98
C LEU A 130 -20.30 5.75 -8.04
N GLN A 131 -21.55 5.41 -7.75
CA GLN A 131 -22.32 6.18 -6.77
C GLN A 131 -23.05 5.27 -5.81
N LEU A 132 -22.95 5.59 -4.52
CA LEU A 132 -23.76 4.96 -3.50
C LEU A 132 -25.10 5.67 -3.47
N TYR A 133 -26.19 4.94 -3.66
CA TYR A 133 -27.49 5.61 -3.73
C TYR A 133 -28.56 4.79 -3.05
N ARG A 134 -29.65 5.45 -2.70
CA ARG A 134 -30.76 4.79 -2.03
C ARG A 134 -31.68 4.19 -3.08
N THR A 135 -31.83 2.87 -3.03
CA THR A 135 -32.78 2.19 -3.91
C THR A 135 -34.19 2.22 -3.33
N ALA A 136 -35.16 1.90 -4.17
CA ALA A 136 -36.56 1.90 -3.77
C ALA A 136 -36.90 0.79 -2.77
N LYS A 137 -36.28 -0.39 -2.94
CA LYS A 137 -36.72 -1.55 -2.17
C LYS A 137 -35.60 -2.39 -1.55
N MET A 138 -34.36 -2.06 -1.88
CA MET A 138 -33.25 -2.93 -1.52
C MET A 138 -32.20 -2.18 -0.70
N GLY A 139 -32.63 -1.15 0.00
CA GLY A 139 -31.70 -0.38 0.84
C GLY A 139 -30.73 0.44 0.02
N TRP A 140 -29.49 0.51 0.48
CA TRP A 140 -28.46 1.16 -0.31
C TRP A 140 -28.02 0.25 -1.44
N GLY A 141 -27.66 0.84 -2.57
CA GLY A 141 -27.08 0.11 -3.67
C GLY A 141 -25.97 0.92 -4.31
N VAL A 142 -25.29 0.34 -5.30
CA VAL A 142 -24.24 1.03 -6.01
C VAL A 142 -24.61 1.07 -7.49
N ARG A 143 -24.51 2.24 -8.11
CA ARG A 143 -24.75 2.32 -9.56
C ARG A 143 -23.63 3.01 -10.31
N ALA A 144 -23.60 2.76 -11.62
CA ALA A 144 -22.57 3.34 -12.48
C ALA A 144 -22.88 4.79 -12.80
N LEU A 145 -21.85 5.64 -12.82
CA LEU A 145 -22.01 7.02 -13.29
C LEU A 145 -21.46 7.23 -14.70
N GLN A 146 -21.15 6.13 -15.37
CA GLN A 146 -20.55 6.15 -16.71
C GLN A 146 -20.82 4.83 -17.43
N THR A 147 -20.60 4.82 -18.73
CA THR A 147 -20.55 3.56 -19.46
C THR A 147 -19.36 2.76 -18.95
N ILE A 148 -19.60 1.50 -18.65
CA ILE A 148 -18.53 0.59 -18.22
C ILE A 148 -18.49 -0.57 -19.19
N PRO A 149 -17.49 -0.58 -20.08
CA PRO A 149 -17.40 -1.66 -21.07
C PRO A 149 -17.25 -3.03 -20.40
N GLN A 150 -17.75 -4.07 -21.04
CA GLN A 150 -17.55 -5.44 -20.56
C GLN A 150 -16.09 -5.76 -20.23
N GLY A 151 -15.86 -6.36 -19.07
CA GLY A 151 -14.52 -6.82 -18.72
C GLY A 151 -13.73 -5.82 -17.92
N THR A 152 -14.34 -4.68 -17.61
CA THR A 152 -13.65 -3.61 -16.87
C THR A 152 -13.62 -3.90 -15.38
N PHE A 153 -12.46 -3.68 -14.76
CA PHE A 153 -12.38 -3.74 -13.30
C PHE A 153 -13.21 -2.65 -12.67
N ILE A 154 -14.01 -3.03 -11.67
CA ILE A 154 -14.92 -2.11 -11.01
C ILE A 154 -14.43 -1.77 -9.61
N CYS A 155 -14.33 -2.78 -8.78
CA CYS A 155 -13.87 -2.58 -7.40
C CYS A 155 -13.60 -3.91 -6.75
N GLU A 156 -12.89 -3.87 -5.64
CA GLU A 156 -12.56 -5.05 -4.87
C GLU A 156 -13.57 -5.29 -3.74
N TYR A 157 -13.83 -6.55 -3.39
CA TYR A 157 -14.63 -6.82 -2.20
C TYR A 157 -13.68 -6.77 -1.00
N VAL A 158 -13.75 -5.65 -0.27
CA VAL A 158 -12.87 -5.38 0.86
C VAL A 158 -13.57 -5.49 2.20
N GLY A 159 -12.87 -6.09 3.16
CA GLY A 159 -13.37 -6.14 4.52
C GLY A 159 -12.35 -6.77 5.45
N GLU A 160 -12.89 -7.32 6.53
CA GLU A 160 -12.12 -7.93 7.59
C GLU A 160 -11.92 -9.40 7.31
N LEU A 161 -10.66 -9.84 7.22
CA LEU A 161 -10.35 -11.25 6.99
C LEU A 161 -10.60 -12.04 8.26
N ILE A 162 -11.43 -13.07 8.18
CA ILE A 162 -11.72 -13.86 9.35
C ILE A 162 -11.79 -15.34 8.98
N SER A 163 -11.61 -16.20 9.99
CA SER A 163 -11.73 -17.64 9.81
C SER A 163 -13.18 -18.04 9.63
N ASP A 164 -13.37 -19.25 9.11
CA ASP A 164 -14.69 -19.84 8.99
C ASP A 164 -15.37 -19.91 10.36
N ALA A 165 -14.62 -20.33 11.36
CA ALA A 165 -15.18 -20.48 12.71
C ALA A 165 -15.69 -19.14 13.23
N GLU A 166 -14.91 -18.08 13.02
CA GLU A 166 -15.34 -16.75 13.43
C GLU A 166 -16.57 -16.30 12.66
N ALA A 167 -16.61 -16.61 11.37
CA ALA A 167 -17.76 -16.24 10.55
C ALA A 167 -19.05 -16.87 11.13
N ASP A 168 -18.92 -18.09 11.63
CA ASP A 168 -20.08 -18.85 12.12
C ASP A 168 -20.71 -18.29 13.39
N VAL A 169 -19.93 -17.57 14.19
CA VAL A 169 -20.44 -17.04 15.44
C VAL A 169 -20.92 -15.60 15.32
N ARG A 170 -20.71 -15.00 14.16
CA ARG A 170 -21.09 -13.60 13.99
C ARG A 170 -22.57 -13.44 13.72
N GLU A 171 -23.15 -12.42 14.33
CA GLU A 171 -24.60 -12.21 14.30
C GLU A 171 -25.11 -11.89 12.90
N ASP A 172 -24.41 -10.99 12.23
CA ASP A 172 -24.88 -10.49 10.95
C ASP A 172 -24.00 -11.01 9.82
N ASP A 173 -24.61 -11.76 8.91
CA ASP A 173 -23.88 -12.31 7.77
C ASP A 173 -24.22 -11.60 6.46
N SER A 174 -24.92 -10.47 6.56
CA SER A 174 -25.34 -9.71 5.38
C SER A 174 -24.21 -9.11 4.55
N TYR A 175 -22.99 -9.14 5.07
CA TYR A 175 -21.84 -8.56 4.40
C TYR A 175 -20.69 -9.56 4.36
N LEU A 176 -21.03 -10.84 4.50
CA LEU A 176 -20.01 -11.88 4.57
C LEU A 176 -19.76 -12.53 3.20
N PHE A 177 -18.50 -12.52 2.76
CA PHE A 177 -18.12 -13.13 1.49
C PHE A 177 -17.23 -14.36 1.74
N ASP A 178 -17.66 -15.49 1.18
CA ASP A 178 -16.94 -16.75 1.34
C ASP A 178 -15.94 -16.92 0.19
N LEU A 179 -14.66 -17.02 0.53
CA LEU A 179 -13.61 -17.14 -0.49
C LEU A 179 -13.66 -18.49 -1.21
N ASP A 180 -14.26 -19.47 -0.55
CA ASP A 180 -14.60 -20.77 -1.15
C ASP A 180 -13.34 -21.57 -1.51
N ASN A 181 -12.34 -21.52 -0.62
CA ASN A 181 -11.14 -22.33 -0.75
C ASN A 181 -11.51 -23.81 -0.81
N LYS A 182 -11.22 -24.44 -1.94
CA LYS A 182 -11.58 -25.84 -2.17
C LYS A 182 -10.70 -26.79 -1.37
N ASP A 183 -9.46 -26.38 -1.12
CA ASP A 183 -8.55 -27.17 -0.33
C ASP A 183 -7.99 -26.34 0.84
N GLY A 184 -7.81 -26.99 1.98
CA GLY A 184 -7.14 -26.36 3.11
C GLY A 184 -8.01 -25.44 3.94
N GLU A 185 -7.35 -24.52 4.63
CA GLU A 185 -8.00 -23.63 5.59
C GLU A 185 -9.01 -22.70 4.92
N VAL A 186 -10.15 -22.49 5.59
CA VAL A 186 -11.25 -21.71 5.01
C VAL A 186 -11.38 -20.34 5.66
N TYR A 187 -11.36 -19.31 4.82
CA TYR A 187 -11.48 -17.93 5.29
C TYR A 187 -12.57 -17.14 4.57
N CYS A 188 -12.97 -16.05 5.21
CA CYS A 188 -14.04 -15.19 4.72
C CYS A 188 -13.61 -13.76 4.79
N ILE A 189 -14.29 -12.92 4.00
CA ILE A 189 -14.17 -11.48 4.16
C ILE A 189 -15.48 -10.96 4.72
N ASP A 190 -15.44 -10.43 5.93
CA ASP A 190 -16.64 -9.86 6.55
C ASP A 190 -16.59 -8.35 6.42
N ALA A 191 -17.50 -7.78 5.64
CA ALA A 191 -17.52 -6.32 5.50
C ALA A 191 -18.52 -5.64 6.44
N ARG A 192 -18.99 -6.36 7.46
CA ARG A 192 -19.98 -5.77 8.36
C ARG A 192 -19.43 -4.58 9.13
N TYR A 193 -18.25 -4.73 9.71
CA TYR A 193 -17.71 -3.70 10.60
C TYR A 193 -16.71 -2.82 9.88
N TYR A 194 -15.92 -3.44 9.02
CA TYR A 194 -14.95 -2.75 8.17
C TYR A 194 -15.18 -3.18 6.74
N GLY A 195 -15.39 -2.25 5.82
CA GLY A 195 -15.55 -2.61 4.43
C GLY A 195 -15.43 -1.44 3.49
N ASN A 196 -15.46 -1.71 2.19
CA ASN A 196 -15.46 -0.62 1.21
C ASN A 196 -16.80 -0.57 0.48
N ILE A 197 -16.80 0.09 -0.68
CA ILE A 197 -18.01 0.31 -1.45
C ILE A 197 -18.72 -1.00 -1.84
N SER A 198 -17.97 -2.09 -1.96
CA SER A 198 -18.56 -3.38 -2.35
C SER A 198 -19.61 -3.92 -1.37
N ARG A 199 -19.50 -3.53 -0.10
CA ARG A 199 -20.46 -4.02 0.89
C ARG A 199 -21.90 -3.58 0.56
N PHE A 200 -22.02 -2.54 -0.26
CA PHE A 200 -23.34 -2.01 -0.61
C PHE A 200 -23.87 -2.53 -1.94
N ILE A 201 -23.11 -3.39 -2.61
CA ILE A 201 -23.55 -3.93 -3.91
C ILE A 201 -24.58 -5.02 -3.68
N ASN A 202 -25.75 -4.83 -4.26
CA ASN A 202 -26.85 -5.76 -4.05
C ASN A 202 -26.77 -7.00 -4.92
N HIS A 203 -27.60 -7.98 -4.60
CA HIS A 203 -27.81 -9.14 -5.46
C HIS A 203 -28.72 -8.84 -6.63
N LEU A 204 -28.29 -9.29 -7.81
CA LEU A 204 -29.16 -9.29 -8.99
C LEU A 204 -29.22 -10.68 -9.60
N CYS A 205 -30.42 -11.14 -9.94
CA CYS A 205 -30.59 -12.41 -10.66
C CYS A 205 -30.13 -12.29 -12.10
N ASP A 206 -30.08 -11.06 -12.61
CA ASP A 206 -29.45 -10.80 -13.90
C ASP A 206 -28.23 -9.92 -13.65
N PRO A 207 -27.15 -10.51 -13.13
CA PRO A 207 -26.01 -9.72 -12.66
C PRO A 207 -25.25 -9.08 -13.81
N ASN A 208 -24.56 -7.99 -13.52
CA ASN A 208 -23.71 -7.36 -14.51
C ASN A 208 -22.25 -7.27 -14.06
N ILE A 209 -21.94 -7.81 -12.89
CA ILE A 209 -20.54 -7.95 -12.47
C ILE A 209 -20.30 -9.36 -11.95
N ILE A 210 -19.05 -9.81 -12.04
CA ILE A 210 -18.67 -11.12 -11.50
C ILE A 210 -17.46 -10.99 -10.62
N PRO A 211 -17.44 -11.72 -9.49
CA PRO A 211 -16.26 -11.77 -8.62
C PRO A 211 -15.20 -12.71 -9.17
N VAL A 212 -13.94 -12.27 -9.14
CA VAL A 212 -12.82 -13.07 -9.61
C VAL A 212 -11.74 -13.08 -8.54
N ARG A 213 -11.15 -14.25 -8.30
CA ARG A 213 -10.06 -14.38 -7.32
C ARG A 213 -8.73 -13.90 -7.90
N VAL A 214 -8.01 -13.09 -7.12
CA VAL A 214 -6.79 -12.45 -7.62
C VAL A 214 -5.69 -12.46 -6.57
N PHE A 215 -4.45 -12.68 -7.01
CA PHE A 215 -3.28 -12.50 -6.16
C PHE A 215 -2.42 -11.38 -6.68
N MET A 216 -1.90 -10.57 -5.76
CA MET A 216 -1.11 -9.41 -6.12
C MET A 216 0.19 -9.37 -5.32
N LEU A 217 0.18 -8.74 -4.15
CA LEU A 217 1.43 -8.49 -3.42
C LEU A 217 1.85 -9.67 -2.54
N HIS A 218 0.99 -10.68 -2.47
CA HIS A 218 1.33 -11.95 -1.83
C HIS A 218 0.69 -13.08 -2.64
N GLN A 219 1.13 -14.31 -2.41
CA GLN A 219 0.53 -15.45 -3.08
C GLN A 219 0.23 -16.54 -2.06
N ASP A 220 -0.26 -16.09 -0.91
CA ASP A 220 -0.79 -17.00 0.10
C ASP A 220 -2.16 -17.48 -0.39
N LEU A 221 -2.24 -18.74 -0.84
CA LEU A 221 -3.41 -19.23 -1.57
C LEU A 221 -4.65 -19.34 -0.70
N ARG A 222 -4.47 -19.21 0.62
CA ARG A 222 -5.62 -19.17 1.54
C ARG A 222 -6.42 -17.88 1.42
N PHE A 223 -5.77 -16.83 0.90
CA PHE A 223 -6.32 -15.48 0.90
C PHE A 223 -6.36 -14.81 -0.47
N PRO A 224 -7.11 -15.39 -1.41
CA PRO A 224 -7.32 -14.64 -2.64
C PRO A 224 -8.04 -13.34 -2.33
N ARG A 225 -7.76 -12.32 -3.12
CA ARG A 225 -8.53 -11.08 -3.02
C ARG A 225 -9.63 -11.17 -4.08
N ILE A 226 -10.74 -10.46 -3.84
CA ILE A 226 -11.90 -10.61 -4.70
C ILE A 226 -12.12 -9.36 -5.53
N ALA A 227 -12.01 -9.49 -6.85
CA ALA A 227 -12.14 -8.36 -7.75
C ALA A 227 -13.42 -8.49 -8.57
N PHE A 228 -14.18 -7.42 -8.66
CA PHE A 228 -15.37 -7.42 -9.52
C PHE A 228 -15.07 -6.84 -10.89
N PHE A 229 -15.42 -7.60 -11.94
CA PHE A 229 -15.30 -7.14 -13.31
C PHE A 229 -16.70 -7.12 -13.92
N SER A 230 -16.94 -6.17 -14.81
CA SER A 230 -18.24 -6.16 -15.50
C SER A 230 -18.35 -7.38 -16.42
N SER A 231 -19.53 -7.98 -16.47
CA SER A 231 -19.74 -9.17 -17.29
C SER A 231 -20.44 -8.82 -18.60
N ARG A 232 -20.80 -7.54 -18.73
CA ARG A 232 -21.39 -7.02 -19.96
C ARG A 232 -21.15 -5.52 -19.99
N ASP A 233 -21.46 -4.88 -21.11
CA ASP A 233 -21.45 -3.42 -21.15
C ASP A 233 -22.50 -2.89 -20.18
N ILE A 234 -22.09 -2.00 -19.28
CA ILE A 234 -23.01 -1.40 -18.32
C ILE A 234 -23.23 0.07 -18.67
N ARG A 235 -24.47 0.55 -18.59
CA ARG A 235 -24.77 1.93 -18.93
C ARG A 235 -24.88 2.82 -17.69
N THR A 236 -24.63 4.12 -17.87
CA THR A 236 -24.81 5.08 -16.77
C THR A 236 -26.16 4.92 -16.10
N GLY A 237 -26.16 4.87 -14.77
CA GLY A 237 -27.40 4.80 -14.02
C GLY A 237 -27.79 3.39 -13.64
N GLU A 238 -27.19 2.41 -14.29
CA GLU A 238 -27.53 1.01 -13.98
C GLU A 238 -27.00 0.60 -12.62
N GLU A 239 -27.85 -0.08 -11.87
CA GLU A 239 -27.42 -0.62 -10.59
C GLU A 239 -26.44 -1.78 -10.83
N LEU A 240 -25.34 -1.79 -10.09
CA LEU A 240 -24.39 -2.90 -10.14
C LEU A 240 -24.86 -4.02 -9.24
N GLY A 241 -24.67 -5.25 -9.70
CA GLY A 241 -25.03 -6.39 -8.87
C GLY A 241 -24.36 -7.66 -9.31
N PHE A 242 -24.06 -8.52 -8.35
CA PHE A 242 -23.59 -9.86 -8.69
C PHE A 242 -24.57 -10.88 -8.13
N ASP A 243 -24.46 -12.11 -8.61
CA ASP A 243 -25.26 -13.21 -8.12
C ASP A 243 -24.64 -13.68 -6.80
N TYR A 244 -25.33 -13.41 -5.69
CA TYR A 244 -24.84 -13.78 -4.37
C TYR A 244 -24.68 -15.30 -4.24
N GLY A 245 -25.48 -16.03 -5.02
CA GLY A 245 -25.44 -17.48 -5.00
C GLY A 245 -26.56 -18.13 -4.21
N ASP A 246 -26.77 -19.41 -4.45
CA ASP A 246 -27.90 -20.13 -3.87
C ASP A 246 -27.73 -20.36 -2.36
N ARG A 247 -26.48 -20.50 -1.91
CA ARG A 247 -26.23 -20.72 -0.49
C ARG A 247 -26.79 -19.56 0.33
N PHE A 248 -26.50 -18.34 -0.10
CA PHE A 248 -27.03 -17.15 0.53
C PHE A 248 -28.56 -17.16 0.57
N TRP A 249 -29.16 -17.44 -0.58
CA TRP A 249 -30.60 -17.35 -0.70
C TRP A 249 -31.30 -18.53 -0.03
N ASP A 250 -30.64 -19.70 0.02
CA ASP A 250 -31.21 -20.85 0.72
C ASP A 250 -31.44 -20.51 2.19
N ILE A 251 -30.59 -19.64 2.72
CA ILE A 251 -30.69 -19.18 4.10
C ILE A 251 -31.59 -17.94 4.24
N LYS A 252 -31.37 -16.95 3.37
CA LYS A 252 -32.00 -15.64 3.55
C LYS A 252 -33.45 -15.57 3.10
N SER A 253 -33.86 -16.44 2.17
CA SER A 253 -35.19 -16.33 1.57
C SER A 253 -36.32 -16.53 2.58
N LYS A 254 -36.01 -17.16 3.71
CA LYS A 254 -36.97 -17.31 4.79
C LYS A 254 -37.28 -15.97 5.45
N TYR A 255 -36.38 -15.00 5.30
CA TYR A 255 -36.50 -13.71 5.96
C TYR A 255 -36.93 -12.58 5.01
N PHE A 256 -36.47 -12.65 3.77
CA PHE A 256 -36.88 -11.68 2.77
C PHE A 256 -36.69 -12.29 1.39
N THR A 257 -37.45 -11.83 0.41
CA THR A 257 -37.33 -12.37 -0.93
C THR A 257 -36.64 -11.39 -1.88
N CYS A 258 -36.26 -11.87 -3.05
CA CYS A 258 -35.48 -11.05 -3.98
C CYS A 258 -36.34 -9.97 -4.61
N GLN A 259 -35.84 -8.74 -4.61
CA GLN A 259 -36.56 -7.61 -5.17
C GLN A 259 -35.92 -7.07 -6.45
N CYS A 260 -35.06 -7.87 -7.08
CA CYS A 260 -34.30 -7.38 -8.23
C CYS A 260 -35.20 -7.04 -9.43
N GLY A 261 -36.35 -7.70 -9.55
CA GLY A 261 -37.31 -7.32 -10.56
C GLY A 261 -37.10 -7.96 -11.93
N SER A 262 -36.13 -8.85 -12.01
CA SER A 262 -35.83 -9.53 -13.27
C SER A 262 -36.99 -10.43 -13.69
N GLU A 263 -37.24 -10.48 -15.00
CA GLU A 263 -38.25 -11.38 -15.54
C GLU A 263 -37.90 -12.83 -15.21
N LYS A 264 -36.63 -13.08 -14.90
CA LYS A 264 -36.16 -14.41 -14.62
C LYS A 264 -35.57 -14.48 -13.22
N CYS A 265 -36.19 -13.74 -12.31
CA CYS A 265 -35.79 -13.74 -10.91
C CYS A 265 -35.95 -15.15 -10.33
N LYS A 266 -34.92 -15.61 -9.62
CA LYS A 266 -34.88 -16.98 -9.11
C LYS A 266 -35.31 -17.05 -7.66
N HIS A 267 -35.43 -15.90 -7.00
CA HIS A 267 -35.55 -15.89 -5.55
C HIS A 267 -36.66 -14.98 -5.04
N SER A 268 -37.57 -14.60 -5.94
CA SER A 268 -38.73 -13.79 -5.54
C SER A 268 -39.76 -14.65 -4.82
N ALA A 269 -40.73 -14.00 -4.18
CA ALA A 269 -41.83 -14.73 -3.57
C ALA A 269 -42.54 -15.57 -4.63
N GLU A 270 -42.66 -14.99 -5.82
CA GLU A 270 -43.29 -15.66 -6.96
C GLU A 270 -42.52 -16.92 -7.35
N ALA A 271 -41.19 -16.80 -7.45
CA ALA A 271 -40.35 -17.94 -7.81
C ALA A 271 -40.38 -19.01 -6.73
N ILE A 272 -40.34 -18.58 -5.47
CA ILE A 272 -40.42 -19.48 -4.34
C ILE A 272 -41.75 -20.24 -4.33
N ALA A 273 -42.84 -19.53 -4.64
CA ALA A 273 -44.15 -20.15 -4.67
C ALA A 273 -44.21 -21.27 -5.70
N LEU A 274 -43.54 -21.08 -6.83
CA LEU A 274 -43.49 -22.11 -7.88
C LEU A 274 -42.67 -23.33 -7.45
N GLU A 275 -41.51 -23.07 -6.87
CA GLU A 275 -40.62 -24.14 -6.44
C GLU A 275 -41.27 -25.04 -5.39
N GLN A 276 -41.95 -24.42 -4.42
CA GLN A 276 -42.63 -25.18 -3.38
C GLN A 276 -43.82 -25.93 -3.96
N SER A 277 -44.43 -25.35 -4.99
CA SER A 277 -45.57 -25.97 -5.67
C SER A 277 -45.15 -27.23 -6.42
N ARG A 278 -44.02 -27.14 -7.13
CA ARG A 278 -43.49 -28.26 -7.89
C ARG A 278 -43.21 -29.46 -7.00
N LEU A 279 -42.61 -29.20 -5.84
CA LEU A 279 -42.30 -30.24 -4.87
C LEU A 279 -43.57 -30.70 -4.15
N ARG B 7 34.88 13.54 -20.25
CA ARG B 7 33.95 12.42 -20.28
C ARG B 7 32.50 12.89 -20.16
N THR B 8 31.66 12.41 -21.07
CA THR B 8 30.25 12.78 -21.10
C THR B 8 29.47 12.10 -19.97
N GLU B 9 28.50 12.81 -19.40
CA GLU B 9 27.63 12.23 -18.39
C GLU B 9 26.55 11.39 -19.05
N LYS B 10 26.71 10.07 -18.95
CA LYS B 10 25.83 9.11 -19.60
C LYS B 10 24.64 8.75 -18.70
N ILE B 11 23.42 8.91 -19.22
CA ILE B 11 22.23 8.47 -18.51
C ILE B 11 21.97 7.00 -18.81
N ILE B 12 22.06 6.16 -17.79
CA ILE B 12 22.12 4.73 -18.04
C ILE B 12 20.91 3.96 -17.53
N CYS B 13 20.01 4.66 -16.86
CA CYS B 13 18.71 4.10 -16.50
C CYS B 13 17.71 5.23 -16.29
N ARG B 14 16.56 5.12 -16.95
CA ARG B 14 15.54 6.16 -16.84
C ARG B 14 14.90 6.20 -15.47
N ASP B 15 14.83 5.03 -14.81
CA ASP B 15 14.19 4.93 -13.51
C ASP B 15 14.58 3.64 -12.83
N VAL B 16 15.46 3.73 -11.84
CA VAL B 16 15.92 2.54 -11.15
C VAL B 16 14.79 1.96 -10.30
N ALA B 17 13.75 2.75 -10.06
CA ALA B 17 12.59 2.29 -9.28
C ALA B 17 11.50 1.63 -10.11
N ARG B 18 11.69 1.57 -11.43
CA ARG B 18 10.74 0.89 -12.33
C ARG B 18 9.31 1.36 -12.13
N GLY B 19 9.12 2.66 -11.94
CA GLY B 19 7.79 3.24 -11.85
C GLY B 19 7.08 3.03 -10.53
N TYR B 20 7.78 2.51 -9.53
CA TYR B 20 7.14 2.25 -8.23
C TYR B 20 7.06 3.48 -7.34
N GLU B 21 7.85 4.52 -7.62
CA GLU B 21 7.77 5.75 -6.83
C GLU B 21 6.89 6.77 -7.55
N ASN B 22 6.55 7.85 -6.86
CA ASN B 22 5.74 8.92 -7.44
C ASN B 22 6.42 9.59 -8.63
N VAL B 23 7.75 9.57 -8.61
CA VAL B 23 8.56 10.20 -9.62
C VAL B 23 9.67 9.24 -10.00
N PRO B 24 10.22 9.39 -11.22
CA PRO B 24 11.33 8.51 -11.58
C PRO B 24 12.61 8.88 -10.85
N ILE B 25 13.51 7.92 -10.73
CA ILE B 25 14.82 8.17 -10.16
C ILE B 25 15.83 7.65 -11.17
N PRO B 26 16.28 8.54 -12.08
CA PRO B 26 17.22 8.08 -13.10
C PRO B 26 18.63 7.88 -12.55
N CYS B 27 19.45 7.17 -13.32
CA CYS B 27 20.83 6.91 -12.94
C CYS B 27 21.74 7.44 -14.03
N VAL B 28 22.78 8.17 -13.64
CA VAL B 28 23.79 8.65 -14.58
C VAL B 28 25.18 8.32 -14.09
N ASN B 29 26.13 8.32 -15.01
CA ASN B 29 27.51 8.09 -14.65
C ASN B 29 28.40 8.92 -15.56
N GLY B 30 28.97 9.99 -15.01
CA GLY B 30 29.92 10.78 -15.77
C GLY B 30 31.34 10.66 -15.26
N VAL B 31 31.62 9.60 -14.49
CA VAL B 31 32.93 9.48 -13.83
C VAL B 31 33.73 8.29 -14.38
N ASP B 32 33.08 7.14 -14.54
CA ASP B 32 33.81 5.94 -14.95
C ASP B 32 32.92 4.98 -15.74
N GLY B 33 33.40 3.76 -15.95
CA GLY B 33 32.71 2.80 -16.79
C GLY B 33 31.78 1.86 -16.06
N GLU B 34 31.48 2.16 -14.80
CA GLU B 34 30.67 1.25 -14.00
C GLU B 34 29.26 1.20 -14.54
N PRO B 35 28.74 -0.01 -14.73
CA PRO B 35 27.36 -0.18 -15.20
C PRO B 35 26.35 0.12 -14.12
N CYS B 36 25.11 0.37 -14.51
CA CYS B 36 24.04 0.60 -13.55
C CYS B 36 23.99 -0.55 -12.55
N PRO B 37 23.95 -0.23 -11.25
CA PRO B 37 24.03 -1.28 -10.22
C PRO B 37 22.85 -2.26 -10.32
N GLU B 38 23.15 -3.55 -10.36
CA GLU B 38 22.08 -4.53 -10.47
C GLU B 38 22.27 -5.71 -9.54
N ASP B 39 23.14 -5.55 -8.55
CA ASP B 39 23.43 -6.59 -7.58
CA ASP B 39 23.41 -6.61 -7.60
C ASP B 39 22.51 -6.48 -6.36
N TYR B 40 21.27 -6.05 -6.59
CA TYR B 40 20.27 -5.92 -5.55
C TYR B 40 18.94 -5.88 -6.28
N LYS B 41 17.85 -6.04 -5.54
CA LYS B 41 16.51 -5.91 -6.10
C LYS B 41 15.87 -4.64 -5.59
N TYR B 42 15.47 -3.73 -6.49
CA TYR B 42 14.84 -2.49 -6.04
C TYR B 42 13.44 -2.78 -5.56
N ILE B 43 13.15 -2.41 -4.32
CA ILE B 43 11.80 -2.48 -3.77
C ILE B 43 11.45 -1.14 -3.18
N SER B 44 10.19 -0.74 -3.35
CA SER B 44 9.78 0.56 -2.83
C SER B 44 9.28 0.51 -1.39
N GLU B 45 8.93 -0.68 -0.90
CA GLU B 45 8.47 -0.84 0.47
C GLU B 45 9.19 -2.01 1.13
N ASN B 46 9.30 -1.99 2.46
CA ASN B 46 10.08 -3.01 3.15
C ASN B 46 9.56 -4.41 2.86
N CYS B 47 10.46 -5.39 2.90
CA CYS B 47 10.09 -6.77 2.66
C CYS B 47 10.58 -7.66 3.79
N GLU B 48 10.17 -8.93 3.76
CA GLU B 48 10.70 -9.91 4.70
C GLU B 48 11.02 -11.18 3.95
N THR B 49 12.07 -11.88 4.39
CA THR B 49 12.45 -13.14 3.78
C THR B 49 12.37 -14.26 4.80
N SER B 50 11.84 -13.94 5.97
CA SER B 50 11.43 -14.94 6.96
C SER B 50 10.18 -14.40 7.63
N THR B 51 9.61 -15.14 8.57
CA THR B 51 8.35 -14.69 9.18
C THR B 51 8.58 -13.49 10.09
N MET B 52 8.09 -12.33 9.68
CA MET B 52 8.04 -11.18 10.57
C MET B 52 6.60 -11.00 11.07
N ASN B 53 5.64 -11.19 10.16
CA ASN B 53 4.21 -11.08 10.46
C ASN B 53 3.88 -9.80 11.20
N ILE B 54 4.03 -8.68 10.51
CA ILE B 54 3.76 -7.37 11.12
C ILE B 54 2.36 -7.32 11.72
N ASP B 55 2.26 -6.80 12.94
CA ASP B 55 0.98 -6.66 13.62
C ASP B 55 0.18 -5.55 12.96
N ARG B 56 -0.92 -5.91 12.30
CA ARG B 56 -1.74 -4.91 11.62
C ARG B 56 -3.19 -4.86 12.11
N ASN B 57 -3.43 -5.36 13.31
CA ASN B 57 -4.77 -5.35 13.91
CA ASN B 57 -4.78 -5.35 13.85
C ASN B 57 -5.33 -3.93 13.93
N ILE B 58 -6.32 -3.67 13.06
CA ILE B 58 -6.86 -2.32 12.93
C ILE B 58 -7.47 -1.84 14.25
N THR B 59 -7.96 -2.76 15.09
CA THR B 59 -8.59 -2.36 16.35
C THR B 59 -7.57 -1.95 17.42
N HIS B 60 -6.29 -2.20 17.17
CA HIS B 60 -5.26 -1.85 18.13
C HIS B 60 -4.48 -0.61 17.70
N LEU B 61 -4.86 -0.01 16.58
CA LEU B 61 -4.23 1.24 16.16
C LEU B 61 -4.71 2.39 17.03
N GLN B 62 -3.79 3.16 17.59
CA GLN B 62 -4.18 4.45 18.16
C GLN B 62 -4.51 5.37 16.99
N HIS B 63 -5.56 6.17 17.14
CA HIS B 63 -6.03 6.94 16.01
C HIS B 63 -6.79 8.17 16.51
N CYS B 64 -7.04 9.10 15.59
CA CYS B 64 -7.71 10.34 15.96
C CYS B 64 -9.17 10.36 15.50
N THR B 65 -9.89 11.34 16.02
CA THR B 65 -11.32 11.53 15.73
C THR B 65 -11.58 12.88 15.05
N CYS B 66 -10.53 13.54 14.58
CA CYS B 66 -10.64 14.86 13.96
C CYS B 66 -11.64 14.91 12.82
N VAL B 67 -12.39 16.00 12.74
CA VAL B 67 -13.29 16.22 11.59
C VAL B 67 -12.76 17.36 10.73
N ASP B 68 -11.53 17.79 11.01
CA ASP B 68 -10.88 18.78 10.15
C ASP B 68 -9.76 18.10 9.38
N ASP B 69 -8.71 18.86 9.08
CA ASP B 69 -7.56 18.35 8.35
C ASP B 69 -6.40 17.94 9.26
N CYS B 70 -6.69 17.76 10.54
CA CYS B 70 -5.69 17.33 11.54
C CYS B 70 -4.58 18.38 11.71
N SER B 71 -4.93 19.64 11.49
CA SER B 71 -4.00 20.72 11.74
C SER B 71 -4.04 21.21 13.19
N SER B 72 -4.99 20.74 13.98
CA SER B 72 -5.10 21.25 15.35
C SER B 72 -4.28 20.40 16.31
N SER B 73 -3.91 21.01 17.43
CA SER B 73 -3.12 20.31 18.46
C SER B 73 -3.97 19.30 19.21
N ASN B 74 -5.27 19.29 18.94
CA ASN B 74 -6.16 18.31 19.55
C ASN B 74 -6.08 16.93 18.87
N CYS B 75 -5.47 16.87 17.69
CA CYS B 75 -5.31 15.61 16.98
C CYS B 75 -4.50 14.62 17.83
N LEU B 76 -5.09 13.46 18.13
CA LEU B 76 -4.41 12.49 18.98
C LEU B 76 -3.10 12.03 18.34
N CYS B 77 -3.11 11.86 17.02
CA CYS B 77 -1.91 11.37 16.32
C CYS B 77 -0.78 12.37 16.45
N GLY B 78 -1.09 13.65 16.33
CA GLY B 78 -0.12 14.69 16.58
C GLY B 78 0.41 14.65 18.00
N GLN B 79 -0.47 14.36 18.96
CA GLN B 79 -0.08 14.33 20.35
C GLN B 79 0.85 13.15 20.63
N LEU B 80 0.64 12.05 19.92
CA LEU B 80 1.46 10.84 20.11
C LEU B 80 2.86 11.06 19.56
N SER B 81 2.96 11.91 18.55
N SER B 81 2.95 12.01 18.63
CA SER B 81 4.25 12.21 17.95
CA SER B 81 4.22 12.55 18.17
C SER B 81 5.19 12.81 19.01
C SER B 81 4.53 13.85 18.91
N ILE B 82 6.45 12.37 19.04
N ILE B 82 4.03 13.95 20.15
CA ILE B 82 7.38 12.81 20.06
CA ILE B 82 4.07 15.17 20.96
C ILE B 82 8.30 13.90 19.53
C ILE B 82 3.25 16.29 20.32
N ARG B 83 8.14 15.10 20.07
N ARG B 83 3.57 16.64 19.08
CA ARG B 83 9.05 16.21 19.83
CA ARG B 83 2.81 17.63 18.32
C ARG B 83 9.16 16.60 18.36
C ARG B 83 2.91 17.26 16.86
N CYS B 84 8.09 16.39 17.60
N CYS B 84 1.96 17.71 16.04
CA CYS B 84 8.07 16.85 16.22
CA CYS B 84 2.13 17.52 14.59
C CYS B 84 6.64 17.04 15.72
C CYS B 84 3.28 18.40 14.15
N TRP B 85 6.51 17.82 14.66
N TRP B 85 4.44 17.77 14.01
CA TRP B 85 5.21 18.11 14.08
CA TRP B 85 5.66 18.46 13.66
C TRP B 85 5.41 18.57 12.63
C TRP B 85 5.64 18.88 12.19
N TYR B 86 4.36 18.51 11.82
N TYR B 86 4.59 18.48 11.48
CA TYR B 86 4.44 19.00 10.46
CA TYR B 86 4.37 18.90 10.12
C TYR B 86 3.83 20.39 10.34
C TYR B 86 3.69 20.25 10.06
N ASP B 87 4.32 21.22 9.41
CA ASP B 87 3.69 22.51 9.16
C ASP B 87 2.69 22.34 8.00
N LYS B 88 2.13 23.44 7.54
CA LYS B 88 1.06 23.41 6.54
C LYS B 88 1.53 22.88 5.20
N ASP B 89 2.84 22.96 4.96
CA ASP B 89 3.43 22.57 3.68
C ASP B 89 4.02 21.16 3.75
N GLY B 90 3.77 20.48 4.86
CA GLY B 90 4.25 19.12 5.03
C GLY B 90 5.71 19.04 5.42
N ARG B 91 6.28 20.12 5.93
CA ARG B 91 7.68 20.12 6.33
C ARG B 91 7.79 19.80 7.83
N LEU B 92 8.84 19.08 8.20
CA LEU B 92 8.98 18.58 9.56
C LEU B 92 9.72 19.57 10.46
N LEU B 93 9.12 19.86 11.61
CA LEU B 93 9.77 20.71 12.60
C LEU B 93 10.12 19.89 13.85
N GLN B 94 11.19 20.24 14.51
CA GLN B 94 11.66 19.46 15.65
C GLN B 94 11.99 20.29 16.89
N GLU B 95 12.06 19.60 18.02
CA GLU B 95 12.52 20.18 19.27
C GLU B 95 13.87 19.59 19.67
N PHE B 96 13.96 18.26 19.62
CA PHE B 96 15.18 17.53 19.98
C PHE B 96 15.62 17.83 21.40
N GLU B 100 16.28 12.33 23.78
CA GLU B 100 15.36 11.34 23.24
C GLU B 100 15.00 11.66 21.79
N PRO B 101 15.28 10.73 20.87
CA PRO B 101 15.03 10.93 19.45
C PRO B 101 13.54 11.13 19.12
N PRO B 102 13.26 11.90 18.06
CA PRO B 102 11.86 12.17 17.70
C PRO B 102 11.15 10.92 17.20
N LEU B 103 9.83 10.97 17.17
CA LEU B 103 9.03 9.84 16.70
C LEU B 103 7.73 10.35 16.12
N ILE B 104 7.47 10.02 14.85
CA ILE B 104 6.29 10.53 14.18
C ILE B 104 5.21 9.47 14.13
N PHE B 105 4.02 9.79 14.64
CA PHE B 105 2.84 8.97 14.38
C PHE B 105 1.99 9.68 13.35
N GLU B 106 1.96 9.16 12.13
CA GLU B 106 1.05 9.70 11.13
C GLU B 106 -0.34 9.14 11.33
N CYS B 107 -1.31 9.79 10.71
CA CYS B 107 -2.66 9.28 10.69
C CYS B 107 -2.72 7.99 9.86
N ASN B 108 -3.79 7.23 10.06
CA ASN B 108 -3.84 5.88 9.55
C ASN B 108 -5.29 5.53 9.18
N GLN B 109 -5.48 4.29 8.74
CA GLN B 109 -6.78 3.82 8.24
C GLN B 109 -7.87 3.73 9.34
N ALA B 110 -7.48 3.85 10.60
CA ALA B 110 -8.46 3.86 11.69
C ALA B 110 -8.93 5.27 12.06
N CYS B 111 -8.14 6.28 11.72
CA CYS B 111 -8.51 7.69 11.98
C CYS B 111 -9.78 8.08 11.25
N SER B 112 -10.51 9.03 11.82
CA SER B 112 -11.74 9.51 11.20
C SER B 112 -11.47 10.44 10.03
N CYS B 113 -10.24 10.94 9.97
CA CYS B 113 -9.88 11.97 8.99
C CYS B 113 -9.74 11.42 7.58
N TRP B 114 -9.53 12.34 6.64
CA TRP B 114 -9.38 11.99 5.25
C TRP B 114 -7.93 11.68 4.89
N ARG B 115 -7.77 11.02 3.75
CA ARG B 115 -6.45 10.58 3.29
C ARG B 115 -5.53 11.76 3.00
N ASN B 116 -6.11 12.95 2.82
CA ASN B 116 -5.29 14.11 2.49
C ASN B 116 -5.11 15.07 3.67
N CYS B 117 -5.27 14.56 4.89
CA CYS B 117 -5.06 15.39 6.07
C CYS B 117 -3.58 15.77 6.20
N LYS B 118 -3.29 16.70 7.11
CA LYS B 118 -1.96 17.28 7.25
C LYS B 118 -0.93 16.37 7.91
N ASN B 119 -1.35 15.19 8.35
CA ASN B 119 -0.44 14.29 9.06
C ASN B 119 -0.19 13.01 8.26
N ARG B 120 0.18 13.16 6.98
CA ARG B 120 0.32 12.02 6.05
C ARG B 120 1.52 12.13 5.12
N VAL B 121 2.54 12.85 5.55
CA VAL B 121 3.63 13.20 4.65
C VAL B 121 4.42 11.97 4.17
N VAL B 122 4.90 11.17 5.10
CA VAL B 122 5.76 10.05 4.71
C VAL B 122 4.97 8.99 3.94
N GLN B 123 3.71 8.78 4.30
CA GLN B 123 2.96 7.73 3.64
C GLN B 123 2.56 8.14 2.23
N SER B 124 2.72 9.42 1.89
CA SER B 124 2.37 9.89 0.57
C SER B 124 3.54 9.78 -0.41
N GLY B 125 4.72 9.43 0.09
CA GLY B 125 5.86 9.08 -0.77
C GLY B 125 6.74 10.20 -1.27
N ILE B 126 7.65 9.83 -2.17
CA ILE B 126 8.66 10.75 -2.70
C ILE B 126 8.02 11.84 -3.55
N LYS B 127 8.39 13.10 -3.29
CA LYS B 127 7.91 14.20 -4.12
C LYS B 127 9.04 14.97 -4.79
N VAL B 128 10.26 14.82 -4.31
CA VAL B 128 11.36 15.59 -4.88
C VAL B 128 12.05 14.79 -5.96
N ARG B 129 12.72 15.48 -6.87
CA ARG B 129 13.48 14.82 -7.93
C ARG B 129 14.89 14.45 -7.47
N LEU B 130 15.15 13.15 -7.46
CA LEU B 130 16.44 12.61 -7.04
C LEU B 130 17.14 11.96 -8.22
N GLN B 131 18.45 11.74 -8.08
CA GLN B 131 19.22 11.07 -9.11
C GLN B 131 20.28 10.19 -8.48
N LEU B 132 20.39 8.96 -8.97
CA LEU B 132 21.48 8.09 -8.61
C LEU B 132 22.65 8.43 -9.53
N TYR B 133 23.79 8.79 -8.97
CA TYR B 133 24.93 9.16 -9.81
C TYR B 133 26.23 8.61 -9.28
N ARG B 134 27.22 8.58 -10.16
CA ARG B 134 28.54 8.09 -9.80
C ARG B 134 29.33 9.23 -9.18
N THR B 135 29.75 9.05 -7.93
CA THR B 135 30.58 10.03 -7.25
C THR B 135 32.05 9.88 -7.63
N ALA B 136 32.86 10.85 -7.25
CA ALA B 136 34.28 10.81 -7.55
C ALA B 136 35.00 9.73 -6.73
N LYS B 137 34.59 9.55 -5.47
CA LYS B 137 35.41 8.75 -4.57
C LYS B 137 34.65 7.76 -3.70
N MET B 138 33.33 7.82 -3.72
CA MET B 138 32.53 6.99 -2.81
C MET B 138 31.63 5.97 -3.46
N GLY B 139 31.86 5.68 -4.74
CA GLY B 139 30.98 4.79 -5.46
C GLY B 139 29.74 5.52 -5.91
N TRP B 140 28.58 4.85 -5.85
CA TRP B 140 27.34 5.50 -6.21
C TRP B 140 26.89 6.41 -5.07
N GLY B 141 26.15 7.46 -5.44
CA GLY B 141 25.56 8.34 -4.46
C GLY B 141 24.22 8.84 -4.95
N VAL B 142 23.53 9.61 -4.11
CA VAL B 142 22.24 10.17 -4.51
C VAL B 142 22.32 11.69 -4.40
N ARG B 143 21.85 12.41 -5.41
CA ARG B 143 21.82 13.87 -5.32
C ARG B 143 20.46 14.46 -5.70
N ALA B 144 20.24 15.70 -5.28
CA ALA B 144 19.03 16.42 -5.60
C ALA B 144 19.10 17.01 -7.00
N LEU B 145 18.00 16.93 -7.75
CA LEU B 145 17.90 17.60 -9.05
C LEU B 145 17.06 18.88 -8.97
N GLN B 146 16.78 19.30 -7.74
CA GLN B 146 16.02 20.52 -7.50
C GLN B 146 16.44 21.10 -6.17
N THR B 147 16.05 22.35 -5.91
CA THR B 147 16.21 22.91 -4.57
C THR B 147 15.21 22.25 -3.63
N ILE B 148 15.64 22.00 -2.40
CA ILE B 148 14.81 21.37 -1.40
C ILE B 148 14.90 22.14 -0.10
N PRO B 149 13.77 22.72 0.34
CA PRO B 149 13.74 23.46 1.60
C PRO B 149 14.00 22.58 2.79
N GLN B 150 14.59 23.15 3.84
CA GLN B 150 14.72 22.49 5.14
C GLN B 150 13.41 21.86 5.60
N GLY B 151 13.49 20.63 6.09
CA GLY B 151 12.33 19.98 6.68
C GLY B 151 11.53 19.14 5.70
N THR B 152 11.98 19.05 4.45
CA THR B 152 11.22 18.35 3.43
C THR B 152 11.46 16.84 3.48
N PHE B 153 10.39 16.05 3.38
CA PHE B 153 10.55 14.62 3.21
C PHE B 153 11.29 14.31 1.91
N ILE B 154 12.31 13.46 2.01
CA ILE B 154 13.14 13.09 0.86
C ILE B 154 12.78 11.68 0.38
N CYS B 155 13.04 10.70 1.23
CA CYS B 155 12.75 9.31 0.92
C CYS B 155 12.82 8.46 2.17
N GLU B 156 12.37 7.21 2.06
CA GLU B 156 12.37 6.25 3.16
C GLU B 156 13.57 5.31 3.03
N TYR B 157 14.15 4.89 4.16
CA TYR B 157 15.14 3.82 4.12
C TYR B 157 14.41 2.48 4.02
N VAL B 158 14.42 1.88 2.84
CA VAL B 158 13.65 0.67 2.61
C VAL B 158 14.57 -0.52 2.36
N GLY B 159 14.20 -1.67 2.91
CA GLY B 159 14.99 -2.88 2.71
C GLY B 159 14.34 -4.10 3.32
N GLU B 160 15.17 -5.06 3.68
CA GLU B 160 14.69 -6.33 4.20
C GLU B 160 14.67 -6.27 5.72
N LEU B 161 13.51 -6.54 6.33
CA LEU B 161 13.40 -6.54 7.79
C LEU B 161 14.05 -7.80 8.36
N ILE B 162 14.99 -7.61 9.29
CA ILE B 162 15.66 -8.75 9.89
C ILE B 162 15.90 -8.50 11.38
N SER B 163 16.06 -9.58 12.13
CA SER B 163 16.40 -9.48 13.54
C SER B 163 17.84 -9.02 13.73
N ASP B 164 18.15 -8.49 14.92
CA ASP B 164 19.53 -8.12 15.21
C ASP B 164 20.43 -9.35 15.15
N ALA B 165 19.91 -10.48 15.61
CA ALA B 165 20.66 -11.74 15.57
C ALA B 165 21.02 -12.16 14.14
N GLU B 166 20.10 -11.94 13.21
CA GLU B 166 20.36 -12.23 11.81
C GLU B 166 21.35 -11.22 11.24
N ALA B 167 21.22 -9.96 11.62
CA ALA B 167 22.09 -8.92 11.10
C ALA B 167 23.56 -9.19 11.48
N ASP B 168 23.75 -9.75 12.68
CA ASP B 168 25.10 -10.03 13.16
C ASP B 168 25.84 -11.11 12.38
N VAL B 169 25.10 -12.01 11.72
CA VAL B 169 25.75 -13.09 10.99
C VAL B 169 25.87 -12.84 9.50
N ARG B 170 25.32 -11.72 9.04
CA ARG B 170 25.41 -11.42 7.62
C ARG B 170 26.81 -10.92 7.27
N GLU B 171 27.26 -11.30 6.09
CA GLU B 171 28.63 -10.99 5.68
C GLU B 171 28.85 -9.51 5.38
N ASP B 172 27.84 -8.87 4.81
CA ASP B 172 28.00 -7.49 4.36
C ASP B 172 27.06 -6.57 5.15
N ASP B 173 27.64 -5.62 5.88
CA ASP B 173 26.86 -4.73 6.70
C ASP B 173 26.83 -3.31 6.12
N SER B 174 27.26 -3.18 4.87
CA SER B 174 27.34 -1.86 4.21
C SER B 174 25.99 -1.19 3.93
N TYR B 175 24.91 -1.95 4.06
CA TYR B 175 23.57 -1.42 3.78
C TYR B 175 22.65 -1.70 4.96
N LEU B 176 23.24 -1.89 6.13
CA LEU B 176 22.49 -2.29 7.32
C LEU B 176 22.10 -1.09 8.20
N PHE B 177 20.81 -0.94 8.46
CA PHE B 177 20.30 0.14 9.32
C PHE B 177 19.70 -0.44 10.60
N ASP B 178 20.21 0.00 11.74
CA ASP B 178 19.78 -0.48 13.05
C ASP B 178 18.60 0.37 13.55
N LEU B 179 17.45 -0.27 13.80
CA LEU B 179 16.28 0.48 14.26
C LEU B 179 16.42 0.88 15.72
N ASP B 180 17.33 0.23 16.44
CA ASP B 180 17.65 0.60 17.82
C ASP B 180 16.40 0.67 18.72
N ASN B 181 15.56 -0.36 18.65
CA ASN B 181 14.37 -0.46 19.50
C ASN B 181 14.74 -0.42 20.98
N LYS B 182 14.02 0.38 21.76
CA LYS B 182 14.34 0.55 23.16
C LYS B 182 13.50 -0.37 24.05
N ASP B 183 12.28 -0.64 23.63
CA ASP B 183 11.42 -1.57 24.33
C ASP B 183 11.07 -2.74 23.43
N GLY B 184 11.61 -3.91 23.77
CA GLY B 184 11.41 -5.09 22.95
C GLY B 184 12.68 -5.46 22.20
N GLU B 185 12.60 -6.49 21.37
CA GLU B 185 13.76 -6.96 20.63
C GLU B 185 14.15 -5.96 19.54
N VAL B 186 15.43 -5.96 19.20
CA VAL B 186 15.95 -5.02 18.21
C VAL B 186 15.93 -5.61 16.80
N TYR B 187 15.44 -4.83 15.87
CA TYR B 187 15.40 -5.21 14.47
C TYR B 187 16.18 -4.22 13.61
N CYS B 188 16.46 -4.65 12.39
CA CYS B 188 17.25 -3.90 11.43
C CYS B 188 16.57 -3.92 10.07
N ILE B 189 16.96 -2.96 9.24
CA ILE B 189 16.59 -2.98 7.84
C ILE B 189 17.88 -3.22 7.03
N ASP B 190 17.96 -4.36 6.37
CA ASP B 190 19.14 -4.68 5.56
C ASP B 190 18.79 -4.41 4.11
N ALA B 191 19.44 -3.41 3.52
CA ALA B 191 19.16 -3.09 2.11
C ALA B 191 20.18 -3.70 1.15
N ARG B 192 20.97 -4.67 1.62
CA ARG B 192 21.97 -5.26 0.72
C ARG B 192 21.36 -5.98 -0.47
N TYR B 193 20.35 -6.84 -0.23
CA TYR B 193 19.82 -7.68 -1.30
C TYR B 193 18.53 -7.11 -1.86
N TYR B 194 17.73 -6.50 -0.98
CA TYR B 194 16.51 -5.81 -1.35
C TYR B 194 16.58 -4.42 -0.76
N GLY B 195 16.43 -3.39 -1.59
CA GLY B 195 16.45 -2.03 -1.07
C GLY B 195 15.92 -1.01 -2.03
N ASN B 196 15.80 0.23 -1.58
CA ASN B 196 15.39 1.30 -2.47
C ASN B 196 16.52 2.28 -2.65
N ILE B 197 16.20 3.47 -3.15
CA ILE B 197 17.20 4.48 -3.46
C ILE B 197 18.09 4.85 -2.26
N SER B 198 17.57 4.71 -1.04
CA SER B 198 18.32 5.09 0.17
C SER B 198 19.58 4.27 0.38
N ARG B 199 19.64 3.08 -0.18
CA ARG B 199 20.80 2.21 0.04
C ARG B 199 22.04 2.85 -0.56
N PHE B 200 21.82 3.78 -1.47
CA PHE B 200 22.94 4.44 -2.14
C PHE B 200 23.34 5.78 -1.54
N ILE B 201 22.63 6.21 -0.50
CA ILE B 201 22.96 7.48 0.16
C ILE B 201 24.21 7.30 1.02
N ASN B 202 25.20 8.12 0.75
CA ASN B 202 26.48 8.05 1.43
C ASN B 202 26.49 8.76 2.79
N HIS B 203 27.53 8.49 3.56
CA HIS B 203 27.76 9.14 4.84
C HIS B 203 28.38 10.50 4.62
N LEU B 204 27.87 11.50 5.32
CA LEU B 204 28.53 12.79 5.38
C LEU B 204 28.69 13.21 6.82
N CYS B 205 29.87 13.72 7.18
CA CYS B 205 30.08 14.27 8.51
C CYS B 205 29.37 15.59 8.68
N ASP B 206 29.13 16.27 7.56
CA ASP B 206 28.30 17.46 7.54
C ASP B 206 27.01 17.16 6.78
N PRO B 207 26.08 16.43 7.41
CA PRO B 207 24.94 15.88 6.67
C PRO B 207 23.89 16.91 6.30
N ASN B 208 23.10 16.64 5.28
CA ASN B 208 21.98 17.52 4.95
C ASN B 208 20.62 16.84 5.04
N ILE B 209 20.61 15.56 5.43
CA ILE B 209 19.35 14.88 5.74
C ILE B 209 19.49 14.16 7.08
N ILE B 210 18.35 13.90 7.73
CA ILE B 210 18.35 13.17 8.99
C ILE B 210 17.28 12.09 8.97
N PRO B 211 17.58 10.94 9.61
CA PRO B 211 16.58 9.88 9.70
C PRO B 211 15.65 10.09 10.89
N VAL B 212 14.37 9.77 10.70
CA VAL B 212 13.36 9.94 11.74
C VAL B 212 12.46 8.71 11.73
N ARG B 213 12.19 8.13 12.90
CA ARG B 213 11.31 6.97 13.00
C ARG B 213 9.85 7.39 12.84
N VAL B 214 9.10 6.61 12.09
CA VAL B 214 7.71 6.93 11.76
C VAL B 214 6.81 5.71 11.81
N PHE B 215 5.60 5.90 12.35
CA PHE B 215 4.54 4.89 12.24
C PHE B 215 3.43 5.43 11.35
N MET B 216 2.93 4.56 10.48
CA MET B 216 1.88 4.91 9.54
C MET B 216 0.75 3.89 9.58
N LEU B 217 0.77 2.88 8.71
CA LEU B 217 -0.39 1.98 8.60
C LEU B 217 -0.35 0.81 9.58
N HIS B 218 0.66 0.77 10.44
CA HIS B 218 0.68 -0.16 11.55
C HIS B 218 1.41 0.53 12.69
N GLN B 219 1.28 0.00 13.88
CA GLN B 219 2.02 0.52 15.04
C GLN B 219 2.69 -0.61 15.80
N ASP B 220 3.25 -1.53 15.02
CA ASP B 220 4.07 -2.64 15.51
C ASP B 220 5.41 -2.05 15.92
N LEU B 221 5.66 -2.01 17.22
CA LEU B 221 6.81 -1.28 17.74
C LEU B 221 8.14 -1.92 17.37
N ARG B 222 8.11 -3.15 16.86
CA ARG B 222 9.32 -3.76 16.30
C ARG B 222 9.84 -2.99 15.08
N PHE B 223 8.93 -2.35 14.36
CA PHE B 223 9.25 -1.88 13.03
C PHE B 223 8.87 -0.44 12.74
N PRO B 224 9.48 0.52 13.45
CA PRO B 224 9.41 1.88 12.95
C PRO B 224 9.95 1.91 11.52
N ARG B 225 9.37 2.78 10.69
CA ARG B 225 9.88 3.01 9.35
C ARG B 225 10.79 4.23 9.40
N ILE B 226 11.77 4.29 8.52
CA ILE B 226 12.79 5.33 8.62
C ILE B 226 12.62 6.34 7.49
N ALA B 227 12.29 7.58 7.86
CA ALA B 227 12.09 8.64 6.89
C ALA B 227 13.22 9.64 6.94
N PHE B 228 13.75 10.00 5.78
CA PHE B 228 14.75 11.06 5.75
C PHE B 228 14.11 12.39 5.44
N PHE B 229 14.47 13.39 6.22
CA PHE B 229 14.06 14.77 5.98
C PHE B 229 15.30 15.62 5.83
N SER B 230 15.24 16.64 4.99
CA SER B 230 16.37 17.56 4.87
C SER B 230 16.53 18.33 6.17
N SER B 231 17.77 18.54 6.60
CA SER B 231 18.05 19.23 7.87
C SER B 231 18.41 20.68 7.61
N ARG B 232 18.52 21.02 6.34
CA ARG B 232 18.73 22.39 5.90
CA ARG B 232 18.78 22.38 5.89
C ARG B 232 18.28 22.53 4.46
N ASP B 233 18.29 23.77 3.96
CA ASP B 233 18.02 23.98 2.54
C ASP B 233 19.08 23.26 1.73
N ILE B 234 18.66 22.50 0.73
CA ILE B 234 19.57 21.79 -0.16
C ILE B 234 19.52 22.40 -1.57
N ARG B 235 20.69 22.57 -2.18
CA ARG B 235 20.78 23.17 -3.51
C ARG B 235 20.73 22.12 -4.61
N THR B 236 20.24 22.51 -5.78
CA THR B 236 20.26 21.62 -6.94
C THR B 236 21.65 21.06 -7.19
N GLY B 237 21.73 19.76 -7.39
CA GLY B 237 23.00 19.10 -7.69
C GLY B 237 23.73 18.60 -6.46
N GLU B 238 23.30 19.04 -5.29
CA GLU B 238 23.97 18.67 -4.04
C GLU B 238 23.79 17.19 -3.69
N GLU B 239 24.90 16.52 -3.36
CA GLU B 239 24.79 15.14 -2.88
C GLU B 239 24.04 15.07 -1.54
N LEU B 240 23.12 14.12 -1.43
CA LEU B 240 22.44 13.84 -0.17
C LEU B 240 23.31 12.95 0.71
N GLY B 241 23.31 13.21 2.01
CA GLY B 241 24.04 12.37 2.93
C GLY B 241 23.56 12.52 4.36
N PHE B 242 23.61 11.42 5.09
CA PHE B 242 23.27 11.49 6.51
C PHE B 242 24.47 11.00 7.32
N ASP B 243 24.44 11.29 8.62
CA ASP B 243 25.50 10.83 9.51
C ASP B 243 25.20 9.39 9.88
N TYR B 244 25.99 8.47 9.35
CA TYR B 244 25.80 7.05 9.64
C TYR B 244 25.94 6.75 11.14
N GLY B 245 26.71 7.58 11.83
CA GLY B 245 26.90 7.40 13.26
C GLY B 245 28.21 6.76 13.66
N ASP B 246 28.56 6.90 14.93
CA ASP B 246 29.87 6.44 15.42
C ASP B 246 30.01 4.93 15.37
N ARG B 247 28.93 4.21 15.61
CA ARG B 247 29.01 2.75 15.66
C ARG B 247 29.46 2.16 14.32
N PHE B 248 28.85 2.65 13.25
CA PHE B 248 29.23 2.26 11.89
C PHE B 248 30.75 2.44 11.69
N TRP B 249 31.26 3.62 12.01
CA TRP B 249 32.66 3.92 11.73
C TRP B 249 33.62 3.22 12.68
N ASP B 250 33.19 2.97 13.91
CA ASP B 250 34.00 2.21 14.86
C ASP B 250 34.30 0.82 14.31
N ILE B 251 33.40 0.30 13.50
CA ILE B 251 33.57 -1.00 12.88
C ILE B 251 34.25 -0.89 11.53
N LYS B 252 33.78 0.04 10.71
CA LYS B 252 34.24 0.11 9.33
C LYS B 252 35.62 0.74 9.15
N SER B 253 36.04 1.55 10.11
CA SER B 253 37.30 2.30 9.96
C SER B 253 38.51 1.37 9.91
N LYS B 254 38.31 0.12 10.33
CA LYS B 254 39.34 -0.90 10.23
C LYS B 254 39.59 -1.29 8.77
N TYR B 255 38.65 -0.96 7.89
CA TYR B 255 38.74 -1.31 6.48
C TYR B 255 38.93 -0.08 5.58
N PHE B 256 38.22 1.00 5.89
CA PHE B 256 38.36 2.23 5.13
C PHE B 256 37.96 3.42 6.00
N THR B 257 38.42 4.61 5.64
CA THR B 257 38.10 5.79 6.43
C THR B 257 37.28 6.79 5.61
N CYS B 258 36.81 7.85 6.26
CA CYS B 258 35.84 8.76 5.62
C CYS B 258 36.46 9.63 4.56
N GLN B 259 35.78 9.76 3.42
CA GLN B 259 36.24 10.63 2.35
C GLN B 259 35.26 11.75 2.03
N CYS B 260 34.46 12.14 3.03
CA CYS B 260 33.48 13.20 2.80
C CYS B 260 34.17 14.53 2.54
N GLY B 261 35.41 14.66 2.99
CA GLY B 261 36.22 15.81 2.65
C GLY B 261 35.88 17.11 3.33
N SER B 262 34.90 17.09 4.23
CA SER B 262 34.54 18.29 4.97
C SER B 262 35.66 18.72 5.92
N GLU B 263 35.74 20.01 6.21
CA GLU B 263 36.67 20.51 7.21
C GLU B 263 36.28 19.99 8.59
N LYS B 264 35.04 19.55 8.72
CA LYS B 264 34.53 19.04 9.98
C LYS B 264 34.48 17.51 9.99
N CYS B 265 35.18 16.86 9.05
CA CYS B 265 35.17 15.40 8.99
C CYS B 265 35.66 14.77 10.29
N LYS B 266 34.87 13.84 10.81
CA LYS B 266 35.14 13.20 12.09
C LYS B 266 35.72 11.80 11.97
N HIS B 267 35.79 11.27 10.74
CA HIS B 267 36.05 9.85 10.57
C HIS B 267 37.12 9.56 9.55
N SER B 268 37.89 10.58 9.21
CA SER B 268 39.07 10.39 8.37
C SER B 268 40.17 9.70 9.18
N ALA B 269 41.18 9.19 8.49
CA ALA B 269 42.32 8.60 9.18
C ALA B 269 42.90 9.58 10.19
N GLU B 270 43.00 10.83 9.76
CA GLU B 270 43.59 11.89 10.57
C GLU B 270 42.72 12.22 11.78
N ALA B 271 41.40 12.29 11.55
CA ALA B 271 40.46 12.60 12.63
C ALA B 271 40.48 11.51 13.69
N ILE B 272 40.48 10.26 13.24
CA ILE B 272 40.50 9.12 14.14
C ILE B 272 41.78 9.10 14.97
N ALA B 273 42.91 9.40 14.34
CA ALA B 273 44.18 9.47 15.05
C ALA B 273 44.16 10.58 16.11
N LEU B 274 43.53 11.69 15.77
CA LEU B 274 43.43 12.83 16.68
C LEU B 274 42.51 12.53 17.86
N GLU B 275 41.44 11.80 17.60
CA GLU B 275 40.52 11.40 18.66
C GLU B 275 41.19 10.40 19.58
N GLN B 276 42.07 9.58 19.03
CA GLN B 276 42.78 8.58 19.82
C GLN B 276 43.82 9.20 20.75
N SER B 277 44.60 10.15 20.23
CA SER B 277 45.60 10.83 21.04
C SER B 277 44.93 11.69 22.11
N ARG B 278 43.75 12.21 21.78
CA ARG B 278 42.98 13.00 22.74
C ARG B 278 42.54 12.13 23.92
N LEU B 279 42.06 10.93 23.60
CA LEU B 279 41.66 9.97 24.63
C LEU B 279 42.88 9.30 25.24
ZN ZN C . 5.16 -10.52 -13.34
ZN ZN D . 4.55 -7.25 -15.27
ZN ZN E . 5.77 -10.31 -17.10
ZN ZN F . -34.09 -11.70 -8.27
N SFG G . -28.64 -3.14 0.52
CA SFG G . -27.60 -3.36 1.53
C SFG G . -27.53 -2.19 2.46
O SFG G . -28.36 -1.27 2.38
OXT SFG G . -26.62 -2.17 3.33
CB SFG G . -26.23 -3.63 0.88
CG SFG G . -26.10 -5.06 0.35
CD SFG G . -25.83 -6.09 1.47
NE SFG G . -24.49 -6.64 1.32
C5' SFG G . -26.80 -7.26 1.35
C4' SFG G . -28.18 -6.97 1.92
O4' SFG G . -28.94 -6.07 1.07
C3' SFG G . -29.05 -8.22 1.99
O3' SFG G . -28.87 -8.86 3.26
C2' SFG G . -30.44 -7.65 1.87
O2' SFG G . -30.89 -7.02 3.08
C1' SFG G . -30.28 -6.54 0.85
N9 SFG G . -30.36 -7.07 -0.53
C8 SFG G . -29.36 -7.20 -1.41
N7 SFG G . -29.81 -7.70 -2.58
C5 SFG G . -31.15 -7.87 -2.43
C6 SFG G . -32.14 -8.35 -3.27
N6 SFG G . -31.87 -8.75 -4.54
N1 SFG G . -33.39 -8.41 -2.81
C2 SFG G . -33.70 -8.01 -1.57
N3 SFG G . -32.76 -7.55 -0.72
C4 SFG G . -31.48 -7.47 -1.15
C10 A1L08 H . -22.97 -12.11 -0.83
C12 A1L08 H . -23.04 -10.40 1.10
C16 A1L08 H . -21.72 -16.30 2.79
C17 A1L08 H . -23.14 -16.31 3.35
C19 A1L08 H . -25.22 -17.47 3.87
C20 A1L08 H . -25.81 -16.32 4.36
C22 A1L08 H . -23.78 -15.17 3.84
C23 A1L08 H . -19.71 -15.93 -4.47
C24 A1L08 H . -20.94 -15.31 -5.05
C25 A1L08 H . -18.61 -16.54 -5.15
C26 A1L08 H . -18.34 -16.77 -6.56
C28 A1L08 H . -17.03 -17.47 -6.98
C29 A1L08 H . -15.88 -17.27 -5.97
C30 A1L08 H . -14.71 -18.15 -6.36
C31 A1L08 H . -15.42 -15.78 -6.03
C01 A1L08 H . -16.40 -17.67 -4.61
C02 A1L08 H . -17.68 -16.98 -4.22
N03 A1L08 H . -18.17 -16.65 -3.00
C04 A1L08 H . -19.43 -16.02 -3.11
C05 A1L08 H . -20.12 -15.55 -1.92
O06 A1L08 H . -19.54 -15.62 -0.87
N07 A1L08 H . -21.37 -15.02 -1.86
C08 A1L08 H . -21.99 -14.54 -0.66
C09 A1L08 H . -23.24 -13.64 -0.73
C11 A1L08 H . -22.25 -11.41 0.31
C13 A1L08 H . -22.06 -15.63 0.42
O14 A1L08 H . -22.39 -16.75 0.09
N15 A1L08 H . -21.66 -15.37 1.70
C18 A1L08 H . -23.92 -17.47 3.38
C21 A1L08 H . -25.07 -15.16 4.33
O27 A1L08 H . -19.12 -16.45 -7.46
ZN ZN I . -5.05 10.51 12.99
ZN ZN J . -5.45 12.89 10.03
ZN ZN K . -6.31 14.04 13.54
ZN ZN L . 33.88 12.69 6.94
N SFG M . 28.42 4.25 -2.11
CA SFG M . 27.64 3.03 -1.88
C SFG M . 27.51 2.24 -3.16
O SFG M . 28.10 2.62 -4.22
OXT SFG M . 26.84 1.18 -3.13
CB SFG M . 26.29 3.41 -1.28
CG SFG M . 26.39 3.74 0.21
CD SFG M . 26.51 2.50 1.11
NE SFG M . 25.28 2.33 1.88
C5' SFG M . 27.66 2.66 2.11
C4' SFG M . 29.04 2.39 1.50
O4' SFG M . 29.44 3.48 0.66
C3' SFG M . 30.12 2.34 2.57
O3' SFG M . 30.31 1.01 3.08
C2' SFG M . 31.36 2.81 1.81
O2' SFG M . 31.84 1.80 0.93
C1' SFG M . 30.79 3.89 0.93
N9 SFG M . 30.73 5.18 1.68
C8 SFG M . 29.62 5.80 2.11
N7 SFG M . 29.95 6.96 2.72
C5 SFG M . 31.32 7.05 2.66
C6 SFG M . 32.23 8.00 3.11
N6 SFG M . 31.82 9.11 3.76
N1 SFG M . 33.55 7.81 2.88
C2 SFG M . 33.97 6.72 2.24
N3 SFG M . 33.13 5.79 1.79
C4 SFG M . 31.79 5.94 1.99
C10 A1L08 N . 24.27 3.45 7.83
C12 A1L08 N . 24.72 1.92 5.81
C16 A1L08 N . 24.55 -0.76 11.72
C17 A1L08 N . 26.00 -1.05 11.41
C19 A1L08 N . 28.32 -1.30 12.09
C20 A1L08 N . 28.74 -1.53 10.80
C22 A1L08 N . 26.47 -1.27 10.10
C23 A1L08 N . 21.23 5.86 12.71
C24 A1L08 N . 22.19 6.75 11.98
C25 A1L08 N . 20.19 6.17 13.62
C26 A1L08 N . 19.72 7.45 14.14
C28 A1L08 N . 18.54 7.46 15.12
C29 A1L08 N . 17.59 6.25 14.97
C30 A1L08 N . 16.60 6.22 16.12
C31 A1L08 N . 16.78 6.40 13.65
C01 A1L08 N . 18.44 4.98 14.99
C02 A1L08 N . 19.57 4.99 14.04
N03 A1L08 N . 20.20 3.99 13.39
C04 A1L08 N . 21.23 4.46 12.58
C05 A1L08 N . 22.04 3.54 11.81
O06 A1L08 N . 21.64 2.40 11.76
N07 A1L08 N . 23.18 3.80 11.12
C08 A1L08 N . 23.89 2.78 10.37
C09 A1L08 N . 24.90 3.18 9.24
C11 A1L08 N . 23.84 2.27 6.98
C13 A1L08 N . 24.34 1.65 11.29
O14 A1L08 N . 24.82 1.91 12.39
N15 A1L08 N . 24.13 0.35 10.93
C18 A1L08 N . 26.99 -1.06 12.39
C21 A1L08 N . 27.79 -1.50 9.80
O27 A1L08 N . 20.23 8.52 13.81
#